data_7ASG
#
_entry.id   7ASG
#
_cell.length_a   78.060
_cell.length_b   98.490
_cell.length_c   207.840
_cell.angle_alpha   90.000
_cell.angle_beta   90.000
_cell.angle_gamma   90.000
#
_symmetry.space_group_name_H-M   'C 2 2 21'
#
loop_
_entity.id
_entity.type
_entity.pdbx_description
1 polymer 'Transforming growth factor-beta-induced protein ig-h3'
2 water water
#
_entity_poly.entity_id   1
_entity_poly.type   'polypeptide(L)'
_entity_poly.pdbx_seq_one_letter_code
;GPNVCAVQKVIGTNRKYFTNCKQWYQRKICGKSTVISYECCPGYEKVPGEKGCPAALPLSNLYETLGVVGSTTTQLYTDR
TEKLRPEMEGPGSFTIFAPSNEAWASLPAEVLDSLVSNVNIELLNALRYHMVGRRVLTDELKHGMTLTSMYQNSNIQIHH
YPNGIVTVNCARLLKADHHATNGVVHLIDKVISTITNNIQQIIEIEDTFETLRAAVAASGLNTMLEGNGQYTLLAPTNEA
FEKIPSETLNRILGDPEALRDLLNNHILKSAMCAEAIVAGLSVETLEGTTLEVGCSGDMLTINGKAIISNKDILATNGVI
HYIDELLIPDSAKTLFELAAESDVSTAIDLFRQAGLGNHLSGSERLTLLAPLNSVFKDGTPPIDAHTRNLLRNHIIKDQL
ASKYLYHGQTLETLGGKKLRVFVYRNSLCIENSCIAAHDKRGRYGTLFTMDRVLTPPMGTVMDVLKGDNRFSMLVAAIQS
AGLTETLNREGVYTVFAPTNEAFRALPPREWSRLLGDAKELANILKYHIGDEILVSGGIGALVRLKSLQGDKLEVSLKNN
VVSVNKEPVAEPDIMATNGVVHVITNVLHHHHHH
;
_entity_poly.pdbx_strand_id   A
#
# COMPACT_ATOMS: atom_id res chain seq x y z
N PRO A 2 14.37 22.87 -36.74
CA PRO A 2 15.53 21.98 -36.88
C PRO A 2 16.48 22.02 -35.68
N ASN A 3 16.79 20.83 -35.17
CA ASN A 3 17.70 20.66 -34.02
C ASN A 3 17.14 21.39 -32.79
N VAL A 4 16.02 20.78 -32.37
CA VAL A 4 14.92 21.38 -31.61
C VAL A 4 14.95 20.75 -30.23
N CYS A 5 15.14 21.53 -29.16
CA CYS A 5 15.12 20.90 -27.82
C CYS A 5 14.38 21.76 -26.80
N ALA A 6 13.94 21.10 -25.73
CA ALA A 6 12.99 21.64 -24.77
C ALA A 6 13.63 21.81 -23.39
N VAL A 7 13.15 22.84 -22.69
CA VAL A 7 13.55 23.19 -21.34
C VAL A 7 12.25 23.20 -20.53
N GLN A 8 12.18 22.39 -19.46
CA GLN A 8 11.04 22.39 -18.55
C GLN A 8 11.50 22.93 -17.20
N LYS A 9 11.02 24.13 -16.86
CA LYS A 9 11.33 24.83 -15.62
C LYS A 9 10.11 24.78 -14.72
N VAL A 10 10.29 24.31 -13.48
CA VAL A 10 9.29 24.54 -12.44
C VAL A 10 9.40 26.04 -12.16
N ILE A 11 8.35 26.70 -11.65
CA ILE A 11 8.42 28.16 -11.54
C ILE A 11 8.86 28.53 -10.11
N GLY A 12 9.76 29.53 -9.97
CA GLY A 12 10.28 30.03 -8.69
C GLY A 12 11.76 29.75 -8.40
N THR A 13 12.42 28.96 -9.25
CA THR A 13 13.54 28.03 -8.97
C THR A 13 14.73 28.35 -9.90
N ASN A 14 15.71 27.40 -9.92
CA ASN A 14 16.47 27.07 -11.15
C ASN A 14 16.63 25.53 -11.24
N ARG A 15 15.47 24.86 -11.33
CA ARG A 15 15.33 23.42 -11.44
C ARG A 15 14.79 23.21 -12.83
N LYS A 16 15.58 22.60 -13.68
CA LYS A 16 15.28 22.56 -15.10
C LYS A 16 15.52 21.14 -15.57
N TYR A 17 14.70 20.71 -16.52
CA TYR A 17 14.83 19.39 -17.14
C TYR A 17 14.98 19.62 -18.63
N PHE A 18 16.21 19.43 -19.12
CA PHE A 18 16.55 19.60 -20.52
C PHE A 18 16.37 18.26 -21.20
N THR A 19 15.51 18.22 -22.20
CA THR A 19 15.11 17.01 -22.86
C THR A 19 15.12 17.18 -24.38
N ASN A 20 15.24 16.04 -25.06
CA ASN A 20 14.64 15.88 -26.37
C ASN A 20 13.19 16.32 -26.29
N CYS A 21 12.71 17.12 -27.25
CA CYS A 21 11.31 17.52 -27.25
C CYS A 21 10.41 16.27 -27.31
N LYS A 22 9.53 16.16 -26.32
CA LYS A 22 8.61 15.06 -26.13
C LYS A 22 7.19 15.52 -26.48
N GLN A 23 6.26 14.56 -26.53
CA GLN A 23 4.87 14.85 -26.85
C GLN A 23 3.95 14.90 -25.63
N TRP A 24 4.38 14.40 -24.47
CA TRP A 24 3.63 14.51 -23.22
C TRP A 24 4.57 14.95 -22.12
N TYR A 25 4.28 16.12 -21.53
CA TYR A 25 5.05 16.68 -20.45
C TYR A 25 4.21 16.70 -19.18
N GLN A 26 4.80 16.23 -18.09
CA GLN A 26 4.29 16.37 -16.73
C GLN A 26 3.81 17.79 -16.48
N ARG A 27 2.54 17.93 -16.10
CA ARG A 27 2.00 19.26 -15.86
C ARG A 27 2.65 19.89 -14.63
N LYS A 28 2.83 19.11 -13.57
CA LYS A 28 3.37 19.54 -12.29
C LYS A 28 4.55 18.66 -11.95
N ILE A 29 5.61 19.23 -11.38
CA ILE A 29 6.76 18.46 -10.90
C ILE A 29 6.84 18.66 -9.39
N CYS A 30 6.62 17.59 -8.64
CA CYS A 30 6.53 17.63 -7.18
C CYS A 30 5.51 18.67 -6.74
N GLY A 31 4.34 18.65 -7.40
CA GLY A 31 3.23 19.52 -7.06
C GLY A 31 3.42 20.99 -7.39
N LYS A 32 4.44 21.33 -8.19
CA LYS A 32 4.72 22.71 -8.58
C LYS A 32 4.62 22.82 -10.09
N SER A 33 3.80 23.73 -10.56
CA SER A 33 3.51 23.78 -11.99
C SER A 33 4.73 24.28 -12.75
N THR A 34 4.80 23.91 -14.02
CA THR A 34 5.96 24.14 -14.86
C THR A 34 5.61 25.03 -16.05
N VAL A 35 6.65 25.65 -16.58
CA VAL A 35 6.62 26.34 -17.87
C VAL A 35 7.64 25.64 -18.75
N ILE A 36 7.34 25.58 -20.03
CA ILE A 36 8.18 24.91 -21.01
C ILE A 36 8.68 25.97 -21.99
N SER A 37 9.93 25.76 -22.43
CA SER A 37 10.76 26.71 -23.13
C SER A 37 11.44 25.92 -24.22
N TYR A 38 12.10 26.63 -25.16
CA TYR A 38 12.80 25.96 -26.25
C TYR A 38 14.19 26.56 -26.43
N GLU A 39 15.17 25.66 -26.55
CA GLU A 39 16.58 25.92 -26.72
C GLU A 39 16.97 25.17 -27.97
N CYS A 40 18.16 25.46 -28.51
CA CYS A 40 18.69 24.55 -29.53
C CYS A 40 19.48 23.45 -28.87
N CYS A 41 19.38 22.27 -29.46
CA CYS A 41 19.96 21.07 -28.94
C CYS A 41 21.47 21.16 -28.86
N PRO A 42 22.11 20.23 -28.09
CA PRO A 42 23.58 20.20 -27.98
C PRO A 42 24.35 20.21 -29.28
N GLY A 43 24.99 21.34 -29.58
CA GLY A 43 25.89 21.44 -30.71
C GLY A 43 25.34 22.08 -31.97
N TYR A 44 24.25 22.87 -31.87
CA TYR A 44 23.63 23.54 -33.02
C TYR A 44 23.27 24.97 -32.63
N GLU A 45 23.39 25.90 -33.60
CA GLU A 45 23.13 27.33 -33.37
C GLU A 45 22.25 27.95 -34.44
N LYS A 46 21.42 28.89 -33.99
CA LYS A 46 20.50 29.62 -34.87
C LYS A 46 21.30 30.51 -35.82
N VAL A 47 20.80 30.66 -37.04
CA VAL A 47 21.26 31.69 -37.96
C VAL A 47 20.11 32.62 -38.21
N PRO A 48 20.31 33.96 -38.19
CA PRO A 48 19.17 34.87 -38.44
C PRO A 48 18.57 34.70 -39.83
N GLY A 49 17.25 34.59 -39.86
CA GLY A 49 16.51 34.46 -41.10
C GLY A 49 16.11 33.06 -41.46
N GLU A 50 16.63 32.06 -40.75
CA GLU A 50 16.14 30.69 -40.85
C GLU A 50 15.67 30.30 -39.47
N LYS A 51 14.66 29.45 -39.44
CA LYS A 51 14.09 29.04 -38.15
C LYS A 51 14.71 27.71 -37.72
N GLY A 52 14.57 27.44 -36.44
CA GLY A 52 15.27 26.36 -35.83
C GLY A 52 16.72 26.78 -35.73
N CYS A 53 17.59 25.76 -35.57
CA CYS A 53 19.05 25.98 -35.45
C CYS A 53 19.75 25.13 -36.47
N PRO A 54 19.74 25.52 -37.75
CA PRO A 54 20.22 24.67 -38.82
C PRO A 54 21.72 24.49 -38.84
N ALA A 55 22.48 25.39 -38.20
CA ALA A 55 23.94 25.36 -38.26
C ALA A 55 24.49 24.45 -37.16
N ALA A 56 25.26 23.45 -37.54
CA ALA A 56 26.04 22.68 -36.58
C ALA A 56 27.28 23.46 -36.18
N LEU A 57 27.70 23.30 -34.92
CA LEU A 57 28.93 23.87 -34.44
C LEU A 57 30.04 22.84 -34.56
N PRO A 58 31.31 23.26 -34.70
CA PRO A 58 32.39 22.29 -34.78
C PRO A 58 32.59 21.61 -33.45
N LEU A 59 33.14 20.41 -33.52
CA LEU A 59 33.57 19.74 -32.30
C LEU A 59 34.84 20.39 -31.79
N SER A 60 35.06 20.28 -30.48
CA SER A 60 36.33 20.62 -29.88
C SER A 60 36.68 19.55 -28.87
N ASN A 61 37.89 19.64 -28.32
CA ASN A 61 38.39 18.67 -27.37
C ASN A 61 37.61 18.79 -26.06
N LEU A 62 37.89 17.88 -25.14
CA LEU A 62 37.07 17.76 -23.93
C LEU A 62 37.18 19.02 -23.07
N TYR A 63 38.37 19.60 -22.97
CA TYR A 63 38.53 20.83 -22.18
C TYR A 63 37.67 21.95 -22.75
N GLU A 64 37.73 22.13 -24.06
CA GLU A 64 37.00 23.21 -24.69
C GLU A 64 35.51 22.99 -24.61
N THR A 65 35.09 21.71 -24.68
CA THR A 65 33.67 21.40 -24.63
C THR A 65 33.09 21.75 -23.26
N LEU A 66 33.89 21.68 -22.20
CA LEU A 66 33.41 22.11 -20.89
C LEU A 66 32.96 23.56 -20.94
N GLY A 67 33.72 24.40 -21.66
CA GLY A 67 33.30 25.77 -21.86
C GLY A 67 32.05 25.89 -22.69
N VAL A 68 31.89 25.03 -23.70
CA VAL A 68 30.70 25.12 -24.56
C VAL A 68 29.45 24.83 -23.75
N VAL A 69 29.51 23.88 -22.81
CA VAL A 69 28.36 23.58 -21.96
C VAL A 69 28.26 24.48 -20.73
N GLY A 70 29.16 25.45 -20.58
CA GLY A 70 29.04 26.38 -19.45
C GLY A 70 29.60 25.88 -18.14
N SER A 71 30.35 24.78 -18.15
CA SER A 71 31.00 24.24 -16.96
C SER A 71 32.35 24.94 -16.73
N THR A 72 32.27 26.25 -16.48
CA THR A 72 33.50 27.06 -16.51
C THR A 72 34.28 26.93 -15.22
N THR A 73 33.64 26.61 -14.09
CA THR A 73 34.43 26.33 -12.89
C THR A 73 35.22 25.03 -13.06
N THR A 74 34.64 24.03 -13.71
CA THR A 74 35.38 22.82 -14.02
C THR A 74 36.62 23.13 -14.83
N GLN A 75 36.49 24.00 -15.85
CA GLN A 75 37.64 24.45 -16.64
C GLN A 75 38.69 25.15 -15.78
N LEU A 76 38.24 26.10 -14.97
CA LEU A 76 39.14 26.87 -14.10
C LEU A 76 39.94 25.93 -13.21
N TYR A 77 39.28 24.96 -12.61
CA TYR A 77 39.97 24.05 -11.72
C TYR A 77 40.85 23.09 -12.51
N THR A 78 40.42 22.68 -13.70
CA THR A 78 41.28 21.85 -14.55
C THR A 78 42.56 22.60 -14.89
N ASP A 79 42.46 23.86 -15.29
CA ASP A 79 43.63 24.64 -15.62
C ASP A 79 44.53 24.82 -14.41
N ARG A 80 43.93 24.97 -13.23
CA ARG A 80 44.72 25.08 -12.01
C ARG A 80 45.62 23.87 -11.80
N THR A 81 45.13 22.65 -12.05
CA THR A 81 45.96 21.49 -11.74
C THR A 81 47.25 21.45 -12.54
N GLU A 82 47.31 22.10 -13.71
CA GLU A 82 48.48 22.14 -14.59
C GLU A 82 48.94 20.74 -15.02
N LYS A 83 48.02 19.78 -15.05
CA LYS A 83 48.34 18.39 -15.40
C LYS A 83 47.23 17.86 -16.31
N LEU A 84 45.99 18.12 -15.93
CA LEU A 84 44.86 17.49 -16.58
C LEU A 84 44.45 18.17 -17.87
N ARG A 85 44.73 19.46 -18.04
CA ARG A 85 44.29 20.09 -19.29
C ARG A 85 45.02 19.50 -20.49
N PRO A 86 46.34 19.31 -20.51
CA PRO A 86 46.97 18.59 -21.64
C PRO A 86 46.37 17.22 -21.90
N GLU A 87 45.95 16.47 -20.87
CA GLU A 87 45.33 15.16 -21.12
C GLU A 87 43.97 15.32 -21.80
N MET A 88 43.17 16.31 -21.38
CA MET A 88 41.87 16.54 -21.99
C MET A 88 41.94 17.09 -23.41
N GLU A 89 43.07 17.67 -23.79
CA GLU A 89 43.29 18.16 -25.15
C GLU A 89 44.00 17.15 -26.05
N GLY A 90 44.41 16.02 -25.50
CA GLY A 90 45.34 15.13 -26.14
C GLY A 90 44.68 13.84 -26.60
N PRO A 91 45.52 12.92 -27.12
CA PRO A 91 45.02 11.61 -27.54
C PRO A 91 44.27 10.88 -26.45
N GLY A 92 43.22 10.18 -26.85
CA GLY A 92 42.48 9.31 -25.97
C GLY A 92 40.99 9.34 -26.27
N SER A 93 40.23 8.74 -25.38
CA SER A 93 38.77 8.76 -25.44
C SER A 93 38.28 8.86 -24.00
N PHE A 94 37.48 9.90 -23.71
CA PHE A 94 37.19 10.33 -22.35
C PHE A 94 35.70 10.55 -22.16
N THR A 95 35.24 10.33 -20.95
CA THR A 95 33.97 10.86 -20.50
C THR A 95 34.31 11.76 -19.32
N ILE A 96 33.62 12.90 -19.21
CA ILE A 96 33.63 13.69 -17.98
C ILE A 96 32.18 13.99 -17.60
N PHE A 97 31.83 13.64 -16.36
CA PHE A 97 30.60 14.09 -15.72
C PHE A 97 30.97 15.43 -15.07
N ALA A 98 30.72 16.51 -15.81
CA ALA A 98 31.16 17.84 -15.40
C ALA A 98 30.16 18.51 -14.46
N PRO A 99 30.51 18.82 -13.21
CA PRO A 99 29.57 19.57 -12.39
C PRO A 99 29.30 20.97 -12.94
N SER A 100 28.04 21.37 -12.83
CA SER A 100 27.64 22.72 -13.19
C SER A 100 28.30 23.75 -12.27
N ASN A 101 28.30 25.02 -12.71
CA ASN A 101 28.84 26.08 -11.86
C ASN A 101 28.13 26.14 -10.50
N GLU A 102 26.82 25.92 -10.50
CA GLU A 102 26.02 25.92 -9.27
C GLU A 102 26.43 24.79 -8.35
N ALA A 103 26.75 23.64 -8.93
CA ALA A 103 27.24 22.51 -8.13
C ALA A 103 28.53 22.86 -7.42
N TRP A 104 29.50 23.46 -8.14
CA TRP A 104 30.77 23.81 -7.47
C TRP A 104 30.57 24.90 -6.42
N ALA A 105 29.63 25.83 -6.63
CA ALA A 105 29.38 26.90 -5.69
C ALA A 105 28.52 26.47 -4.50
N SER A 106 27.96 25.26 -4.52
CA SER A 106 27.13 24.72 -3.43
C SER A 106 27.69 23.42 -2.90
N LEU A 107 28.93 23.44 -2.48
CA LEU A 107 29.56 22.23 -1.99
C LEU A 107 29.00 21.91 -0.61
N PRO A 108 28.62 20.66 -0.33
CA PRO A 108 28.39 20.27 1.07
C PRO A 108 29.64 20.53 1.88
N ALA A 109 29.45 20.86 3.16
CA ALA A 109 30.57 21.21 4.02
C ALA A 109 31.63 20.11 4.12
N GLU A 110 31.24 18.83 3.90
CA GLU A 110 32.19 17.73 4.03
C GLU A 110 33.10 17.58 2.83
N VAL A 111 32.61 17.89 1.62
CA VAL A 111 33.49 17.83 0.46
C VAL A 111 34.38 19.08 0.38
N LEU A 112 33.85 20.24 0.79
CA LEU A 112 34.69 21.42 0.92
C LEU A 112 35.83 21.12 1.86
N ASP A 113 35.52 20.50 2.99
CA ASP A 113 36.52 20.10 3.97
C ASP A 113 37.61 19.23 3.36
N SER A 114 37.24 18.23 2.57
CA SER A 114 38.26 17.34 2.03
C SER A 114 39.13 18.06 1.00
N LEU A 115 38.58 19.04 0.28
CA LEU A 115 39.39 19.76 -0.69
C LEU A 115 40.34 20.76 -0.04
N VAL A 116 39.84 21.60 0.90
CA VAL A 116 40.69 22.66 1.45
C VAL A 116 41.82 22.09 2.31
N SER A 117 41.74 20.84 2.72
CA SER A 117 42.83 20.16 3.41
C SER A 117 44.12 20.11 2.60
N ASN A 118 44.02 19.93 1.27
CA ASN A 118 45.20 19.71 0.45
C ASN A 118 44.82 20.02 -1.00
N VAL A 119 44.79 21.30 -1.29
CA VAL A 119 43.89 21.85 -2.30
C VAL A 119 44.31 21.37 -3.69
N ASN A 120 45.60 21.44 -3.99
CA ASN A 120 46.05 21.13 -5.34
C ASN A 120 45.85 19.64 -5.64
N ILE A 121 46.32 18.77 -4.75
CA ILE A 121 46.15 17.33 -4.94
C ILE A 121 44.68 16.94 -4.92
N GLU A 122 43.90 17.48 -3.97
CA GLU A 122 42.54 16.95 -3.84
C GLU A 122 41.64 17.45 -4.96
N LEU A 123 41.91 18.63 -5.49
CA LEU A 123 41.17 19.08 -6.68
C LEU A 123 41.47 18.20 -7.90
N LEU A 124 42.75 17.85 -8.10
CA LEU A 124 43.07 16.91 -9.18
C LEU A 124 42.37 15.56 -8.99
N ASN A 125 42.38 15.02 -7.77
CA ASN A 125 41.70 13.74 -7.50
C ASN A 125 40.20 13.81 -7.75
N ALA A 126 39.55 14.87 -7.28
CA ALA A 126 38.13 15.03 -7.52
C ALA A 126 37.82 15.11 -9.01
N LEU A 127 38.61 15.88 -9.76
CA LEU A 127 38.36 16.00 -11.18
C LEU A 127 38.54 14.66 -11.89
N ARG A 128 39.56 13.89 -11.51
CA ARG A 128 39.77 12.57 -12.12
C ARG A 128 38.63 11.60 -11.77
N TYR A 129 38.09 11.71 -10.54
CA TYR A 129 36.95 10.87 -10.14
C TYR A 129 35.71 11.14 -10.99
N HIS A 130 35.57 12.35 -11.51
CA HIS A 130 34.45 12.67 -12.40
C HIS A 130 34.65 12.20 -13.84
N MET A 131 35.78 11.60 -14.15
CA MET A 131 36.07 11.14 -15.49
C MET A 131 36.24 9.64 -15.57
N VAL A 132 36.11 9.17 -16.80
CA VAL A 132 36.24 7.77 -17.19
C VAL A 132 37.16 7.77 -18.43
N GLY A 133 38.10 6.85 -18.47
CA GLY A 133 39.02 6.69 -19.58
C GLY A 133 38.50 6.05 -20.85
N ARG A 134 37.20 6.19 -21.10
CA ARG A 134 36.62 5.80 -22.40
C ARG A 134 35.34 6.59 -22.51
N ARG A 135 34.90 6.85 -23.76
CA ARG A 135 33.63 7.55 -23.93
C ARG A 135 32.48 6.59 -23.58
N VAL A 136 31.48 7.15 -22.89
CA VAL A 136 30.24 6.46 -22.54
C VAL A 136 29.09 7.44 -22.79
N LEU A 137 28.22 7.11 -23.72
CA LEU A 137 27.00 7.88 -23.97
C LEU A 137 25.89 7.42 -23.06
N THR A 138 24.84 8.25 -22.92
CA THR A 138 23.71 7.88 -22.06
C THR A 138 23.03 6.61 -22.54
N ASP A 139 23.08 6.30 -23.84
CA ASP A 139 22.56 5.02 -24.34
C ASP A 139 23.23 3.82 -23.67
N GLU A 140 24.46 3.98 -23.20
CA GLU A 140 25.25 2.93 -22.59
C GLU A 140 25.22 2.99 -21.06
N LEU A 141 24.50 3.94 -20.49
CA LEU A 141 24.36 4.12 -19.05
C LEU A 141 23.20 3.27 -18.55
N LYS A 142 23.47 2.02 -18.16
CA LYS A 142 22.41 1.11 -17.74
C LYS A 142 22.19 1.26 -16.23
N HIS A 143 20.95 1.05 -15.79
CA HIS A 143 20.64 1.22 -14.37
C HIS A 143 21.40 0.19 -13.54
N GLY A 144 22.11 0.68 -12.53
CA GLY A 144 22.84 -0.16 -11.61
C GLY A 144 24.27 -0.47 -11.99
N MET A 145 24.71 -0.10 -13.19
CA MET A 145 26.10 -0.32 -13.54
C MET A 145 27.01 0.51 -12.63
N THR A 146 28.28 0.12 -12.57
CA THR A 146 29.35 1.01 -12.13
C THR A 146 30.33 1.25 -13.27
N LEU A 147 30.82 2.48 -13.35
CA LEU A 147 31.92 2.84 -14.24
C LEU A 147 33.17 3.02 -13.38
N THR A 148 34.29 2.57 -13.90
CA THR A 148 35.59 2.76 -13.25
C THR A 148 36.08 4.15 -13.61
N SER A 149 36.23 5.02 -12.61
CA SER A 149 36.68 6.37 -12.86
C SER A 149 38.20 6.38 -13.05
N MET A 150 38.74 7.56 -13.32
CA MET A 150 40.18 7.69 -13.49
C MET A 150 40.89 8.08 -12.19
N TYR A 151 40.19 8.02 -11.06
CA TYR A 151 40.80 8.22 -9.74
C TYR A 151 40.86 6.86 -9.06
N GLN A 152 42.05 6.26 -9.05
CA GLN A 152 42.32 5.05 -8.28
C GLN A 152 41.38 3.88 -8.59
N ASN A 153 40.83 3.83 -9.79
CA ASN A 153 39.82 2.82 -10.16
C ASN A 153 38.61 2.83 -9.24
N SER A 154 38.24 4.01 -8.73
CA SER A 154 37.08 4.13 -7.87
C SER A 154 35.81 4.14 -8.72
N ASN A 155 34.83 3.37 -8.28
CA ASN A 155 33.57 3.25 -9.00
C ASN A 155 32.71 4.49 -8.89
N ILE A 156 32.04 4.79 -10.00
CA ILE A 156 30.97 5.76 -10.10
C ILE A 156 29.70 4.93 -10.21
N GLN A 157 28.64 5.33 -9.51
CA GLN A 157 27.38 4.57 -9.52
C GLN A 157 26.35 5.26 -10.39
N ILE A 158 25.77 4.48 -11.28
CA ILE A 158 24.89 4.98 -12.33
C ILE A 158 23.50 4.41 -12.05
N HIS A 159 22.49 5.26 -12.17
CA HIS A 159 21.09 4.84 -12.17
C HIS A 159 20.42 5.50 -13.37
N HIS A 160 19.53 4.75 -14.01
CA HIS A 160 18.83 5.20 -15.22
C HIS A 160 17.38 4.76 -15.02
N TYR A 161 16.53 5.67 -14.54
CA TYR A 161 15.17 5.35 -14.13
C TYR A 161 14.21 5.31 -15.31
N PRO A 162 13.06 4.63 -15.17
CA PRO A 162 12.14 4.50 -16.31
C PRO A 162 11.61 5.81 -16.84
N ASN A 163 11.55 6.87 -16.01
CA ASN A 163 11.11 8.18 -16.46
C ASN A 163 12.17 8.96 -17.23
N GLY A 164 13.34 8.35 -17.49
CA GLY A 164 14.38 9.00 -18.28
C GLY A 164 15.43 9.74 -17.47
N ILE A 165 15.16 10.02 -16.19
CA ILE A 165 16.12 10.71 -15.34
C ILE A 165 17.32 9.79 -15.14
N VAL A 166 18.52 10.36 -15.29
CA VAL A 166 19.78 9.65 -15.13
C VAL A 166 20.50 10.30 -13.99
N THR A 167 21.10 9.47 -13.12
CA THR A 167 21.87 9.98 -12.00
C THR A 167 23.23 9.33 -11.94
N VAL A 168 24.18 10.12 -11.45
CA VAL A 168 25.56 9.75 -11.27
C VAL A 168 25.84 10.04 -9.81
N ASN A 169 25.99 8.98 -8.99
CA ASN A 169 26.06 9.13 -7.52
C ASN A 169 24.91 9.97 -6.98
N CYS A 170 23.72 9.71 -7.53
CA CYS A 170 22.46 10.44 -7.28
C CYS A 170 22.45 11.91 -7.70
N ALA A 171 23.55 12.41 -8.30
CA ALA A 171 23.51 13.73 -8.91
C ALA A 171 22.78 13.63 -10.23
N ARG A 172 21.83 14.51 -10.48
CA ARG A 172 21.07 14.41 -11.72
C ARG A 172 21.92 14.82 -12.90
N LEU A 173 21.85 14.02 -13.98
CA LEU A 173 22.52 14.37 -15.22
C LEU A 173 21.62 15.37 -15.93
N LEU A 174 22.11 16.61 -16.08
CA LEU A 174 21.31 17.70 -16.60
C LEU A 174 21.35 17.79 -18.12
N LYS A 175 22.54 17.78 -18.73
CA LYS A 175 22.70 17.92 -20.17
C LYS A 175 23.63 16.82 -20.66
N ALA A 176 23.11 15.98 -21.55
CA ALA A 176 23.72 14.72 -21.88
C ALA A 176 24.31 14.76 -23.27
N ASP A 177 25.37 13.97 -23.45
CA ASP A 177 25.88 13.57 -24.76
C ASP A 177 26.35 14.77 -25.59
N HIS A 178 27.22 15.58 -25.01
CA HIS A 178 27.89 16.67 -25.74
C HIS A 178 29.19 16.11 -26.25
N HIS A 179 29.21 15.73 -27.53
CA HIS A 179 30.37 15.09 -28.11
C HIS A 179 31.55 16.03 -28.19
N ALA A 180 32.73 15.44 -28.03
CA ALA A 180 34.02 16.10 -28.19
C ALA A 180 34.85 15.33 -29.20
N THR A 181 35.90 15.97 -29.71
CA THR A 181 36.81 15.31 -30.64
C THR A 181 37.52 14.12 -30.02
N ASN A 182 37.60 14.06 -28.67
CA ASN A 182 38.23 12.96 -27.96
C ASN A 182 37.35 12.45 -26.81
N GLY A 183 36.04 12.50 -26.96
CA GLY A 183 35.19 11.94 -25.90
C GLY A 183 33.80 12.58 -25.82
N VAL A 184 33.29 12.69 -24.60
CA VAL A 184 31.95 13.24 -24.36
C VAL A 184 31.90 13.95 -23.02
N VAL A 185 31.11 15.01 -22.97
CA VAL A 185 30.85 15.77 -21.75
C VAL A 185 29.38 15.58 -21.38
N HIS A 186 29.16 15.20 -20.13
CA HIS A 186 27.84 15.20 -19.50
C HIS A 186 27.81 16.22 -18.36
N LEU A 187 26.87 17.16 -18.38
CA LEU A 187 26.76 18.14 -17.31
C LEU A 187 25.88 17.56 -16.20
N ILE A 188 26.40 17.53 -14.96
CA ILE A 188 25.70 16.99 -13.81
C ILE A 188 25.45 18.09 -12.77
N ASP A 189 24.51 17.80 -11.88
CA ASP A 189 23.93 18.75 -10.96
C ASP A 189 24.68 18.88 -9.66
N LYS A 190 25.58 17.96 -9.32
CA LYS A 190 26.34 18.06 -8.07
C LYS A 190 27.78 17.64 -8.30
N VAL A 191 28.65 17.97 -7.36
CA VAL A 191 30.00 17.46 -7.27
C VAL A 191 29.95 16.14 -6.52
N ILE A 192 30.46 15.07 -7.14
CA ILE A 192 30.38 13.74 -6.59
C ILE A 192 31.71 13.38 -5.94
N SER A 193 31.65 12.34 -5.08
CA SER A 193 32.79 11.86 -4.30
C SER A 193 32.76 10.34 -4.30
N THR A 194 33.89 9.74 -3.91
CA THR A 194 33.97 8.29 -3.85
C THR A 194 33.01 7.75 -2.80
N ILE A 195 32.64 6.49 -2.96
CA ILE A 195 31.66 5.79 -2.12
C ILE A 195 32.46 4.65 -1.50
N THR A 196 32.69 4.74 -0.19
CA THR A 196 33.61 3.86 0.51
C THR A 196 32.98 2.98 1.61
N ASN A 197 31.80 3.32 2.10
CA ASN A 197 31.12 2.57 3.16
C ASN A 197 29.93 1.81 2.60
N ASN A 198 29.66 0.64 3.16
CA ASN A 198 28.35 0.02 2.97
C ASN A 198 27.37 0.57 4.03
N ILE A 199 26.09 0.19 3.88
CA ILE A 199 25.01 0.75 4.69
C ILE A 199 25.27 0.49 6.18
N GLN A 200 25.68 -0.72 6.53
CA GLN A 200 25.97 -1.07 7.92
C GLN A 200 27.09 -0.22 8.47
N GLN A 201 28.11 0.07 7.68
CA GLN A 201 29.18 0.91 8.18
C GLN A 201 28.67 2.30 8.51
N ILE A 202 27.75 2.82 7.71
CA ILE A 202 27.23 4.16 7.96
C ILE A 202 26.41 4.17 9.25
N ILE A 203 25.60 3.12 9.47
CA ILE A 203 24.85 2.94 10.71
C ILE A 203 25.81 2.97 11.88
N GLU A 204 26.96 2.31 11.74
CA GLU A 204 27.84 2.18 12.89
C GLU A 204 28.60 3.46 13.19
N ILE A 205 28.76 4.34 12.20
CA ILE A 205 29.53 5.57 12.33
C ILE A 205 28.69 6.69 12.94
N GLU A 206 27.48 6.89 12.42
CA GLU A 206 26.69 8.08 12.70
C GLU A 206 25.98 7.94 14.05
N ASP A 207 26.23 8.92 14.92
CA ASP A 207 25.55 9.00 16.22
C ASP A 207 24.03 9.12 16.09
N THR A 208 23.54 9.70 14.99
CA THR A 208 22.09 9.76 14.83
C THR A 208 21.44 8.39 14.64
N PHE A 209 22.22 7.31 14.44
CA PHE A 209 21.70 5.96 14.24
C PHE A 209 22.06 4.98 15.36
N GLU A 210 22.42 5.46 16.57
CA GLU A 210 22.75 4.54 17.65
C GLU A 210 21.56 3.63 18.04
N THR A 211 20.33 4.15 17.99
CA THR A 211 19.17 3.31 18.35
C THR A 211 18.88 2.29 17.24
N LEU A 212 18.96 2.74 15.98
CA LEU A 212 18.82 1.85 14.85
C LEU A 212 19.89 0.78 14.86
N ARG A 213 21.12 1.18 15.11
CA ARG A 213 22.24 0.25 15.14
C ARG A 213 22.00 -0.87 16.13
N ALA A 214 21.52 -0.52 17.33
CA ALA A 214 21.30 -1.52 18.34
C ALA A 214 20.16 -2.45 17.95
N ALA A 215 19.12 -1.90 17.32
CA ALA A 215 18.02 -2.73 16.84
C ALA A 215 18.48 -3.67 15.74
N VAL A 216 19.25 -3.15 14.77
CA VAL A 216 19.79 -3.99 13.69
C VAL A 216 20.62 -5.13 14.27
N ALA A 217 21.45 -4.84 15.26
CA ALA A 217 22.29 -5.87 15.88
C ALA A 217 21.44 -6.95 16.53
N ALA A 218 20.43 -6.53 17.31
CA ALA A 218 19.58 -7.47 18.01
C ALA A 218 18.79 -8.33 17.03
N SER A 219 18.35 -7.75 15.92
CA SER A 219 17.68 -8.55 14.89
C SER A 219 18.63 -9.44 14.08
N GLY A 220 19.93 -9.12 14.05
CA GLY A 220 20.86 -9.84 13.19
C GLY A 220 20.84 -9.42 11.75
N LEU A 221 20.27 -8.25 11.44
CA LEU A 221 20.20 -7.73 10.08
C LEU A 221 21.50 -7.11 9.60
N ASN A 222 22.50 -6.98 10.47
CA ASN A 222 23.77 -6.36 10.07
C ASN A 222 24.44 -7.13 8.93
N THR A 223 24.26 -8.45 8.89
CA THR A 223 24.85 -9.26 7.82
C THR A 223 24.33 -8.82 6.47
N MET A 224 23.02 -8.66 6.34
CA MET A 224 22.45 -8.21 5.08
C MET A 224 22.91 -6.80 4.71
N LEU A 225 22.92 -5.88 5.66
CA LEU A 225 23.29 -4.49 5.33
C LEU A 225 24.78 -4.33 5.08
N GLU A 226 25.59 -5.34 5.39
CA GLU A 226 26.97 -5.43 4.98
C GLU A 226 27.18 -6.07 3.61
N GLY A 227 26.17 -6.70 3.06
CA GLY A 227 26.35 -7.60 1.95
C GLY A 227 26.19 -6.91 0.62
N ASN A 228 26.42 -7.67 -0.43
CA ASN A 228 26.20 -7.15 -1.77
C ASN A 228 24.71 -7.04 -2.01
N GLY A 229 24.32 -6.04 -2.76
CA GLY A 229 22.91 -5.75 -2.92
C GLY A 229 22.70 -4.31 -3.31
N GLN A 230 21.49 -4.06 -3.75
CA GLN A 230 20.98 -2.74 -4.06
C GLN A 230 19.80 -2.54 -3.12
N TYR A 231 19.93 -1.58 -2.19
CA TYR A 231 18.87 -1.29 -1.22
C TYR A 231 18.66 0.20 -1.11
N THR A 232 17.45 0.58 -0.73
CA THR A 232 17.21 1.88 -0.14
C THR A 232 16.88 1.61 1.31
N LEU A 233 17.59 2.27 2.22
CA LEU A 233 17.23 2.32 3.64
C LEU A 233 16.64 3.70 3.92
N LEU A 234 15.41 3.71 4.43
CA LEU A 234 14.78 4.88 5.04
C LEU A 234 15.16 4.81 6.52
N ALA A 235 16.28 5.39 6.88
CA ALA A 235 16.98 5.14 8.12
C ALA A 235 16.44 5.99 9.28
N PRO A 236 15.72 5.40 10.27
CA PRO A 236 15.16 6.24 11.35
C PRO A 236 16.21 6.72 12.32
N THR A 237 16.21 8.04 12.55
CA THR A 237 17.10 8.65 13.51
C THR A 237 16.69 8.32 14.94
N ASN A 238 17.60 8.66 15.87
CA ASN A 238 17.29 8.58 17.30
C ASN A 238 16.01 9.35 17.65
N GLU A 239 15.84 10.51 17.03
CA GLU A 239 14.67 11.33 17.32
C GLU A 239 13.39 10.63 16.86
N ALA A 240 13.45 9.85 15.77
CA ALA A 240 12.27 9.11 15.32
C ALA A 240 11.83 8.08 16.35
N PHE A 241 12.80 7.36 16.92
CA PHE A 241 12.48 6.34 17.90
C PHE A 241 11.88 6.98 19.15
N GLU A 242 12.41 8.13 19.55
CA GLU A 242 11.97 8.78 20.79
C GLU A 242 10.54 9.28 20.74
N LYS A 243 9.99 9.48 19.54
CA LYS A 243 8.61 9.90 19.39
C LYS A 243 7.60 8.78 19.70
N ILE A 244 8.07 7.55 19.87
CA ILE A 244 7.21 6.40 20.10
C ILE A 244 7.11 6.23 21.62
N PRO A 245 5.90 6.10 22.21
CA PRO A 245 5.80 5.72 23.63
C PRO A 245 6.62 4.49 23.97
N SER A 246 7.35 4.60 25.08
CA SER A 246 8.32 3.58 25.47
C SER A 246 7.70 2.20 25.63
N GLU A 247 6.44 2.11 26.04
CA GLU A 247 5.88 0.77 26.23
C GLU A 247 5.59 0.11 24.89
N THR A 248 5.15 0.88 23.90
CA THR A 248 5.05 0.38 22.55
C THR A 248 6.43 -0.05 22.04
N LEU A 249 7.43 0.82 22.16
CA LEU A 249 8.68 0.58 21.46
C LEU A 249 9.41 -0.62 22.07
N ASN A 250 9.46 -0.70 23.40
CA ASN A 250 10.10 -1.84 24.02
C ASN A 250 9.35 -3.13 23.71
N ARG A 251 8.02 -3.06 23.49
CA ARG A 251 7.27 -4.25 23.12
C ARG A 251 7.71 -4.74 21.74
N ILE A 252 7.84 -3.82 20.79
CA ILE A 252 8.31 -4.19 19.45
C ILE A 252 9.76 -4.68 19.52
N LEU A 253 10.64 -3.90 20.15
CA LEU A 253 12.06 -4.17 20.00
C LEU A 253 12.48 -5.44 20.71
N GLY A 254 11.74 -5.86 21.75
CA GLY A 254 12.07 -7.07 22.46
C GLY A 254 11.42 -8.33 21.94
N ASP A 255 10.73 -8.27 20.79
CA ASP A 255 10.10 -9.42 20.16
C ASP A 255 10.76 -9.64 18.82
N PRO A 256 11.41 -10.81 18.57
CA PRO A 256 12.16 -10.96 17.29
C PRO A 256 11.32 -10.79 16.05
N GLU A 257 10.09 -11.30 16.04
CA GLU A 257 9.25 -11.17 14.84
C GLU A 257 8.85 -9.72 14.61
N ALA A 258 8.43 -9.01 15.67
CA ALA A 258 8.02 -7.63 15.48
C ALA A 258 9.22 -6.75 15.15
N LEU A 259 10.37 -6.99 15.80
CA LEU A 259 11.59 -6.25 15.49
C LEU A 259 11.99 -6.42 14.02
N ARG A 260 11.94 -7.64 13.52
CA ARG A 260 12.34 -7.86 12.13
C ARG A 260 11.37 -7.21 11.14
N ASP A 261 10.08 -7.36 11.36
CA ASP A 261 9.12 -6.67 10.49
C ASP A 261 9.30 -5.15 10.55
N LEU A 262 9.58 -4.60 11.74
CA LEU A 262 9.78 -3.17 11.86
C LEU A 262 10.91 -2.73 10.94
N LEU A 263 12.09 -3.34 11.12
CA LEU A 263 13.29 -2.94 10.34
C LEU A 263 13.09 -3.17 8.86
N ASN A 264 12.49 -4.31 8.49
CA ASN A 264 12.24 -4.60 7.09
C ASN A 264 11.31 -3.58 6.47
N ASN A 265 10.43 -2.97 7.27
CA ASN A 265 9.55 -1.97 6.71
C ASN A 265 10.25 -0.65 6.43
N HIS A 266 11.54 -0.53 6.68
CA HIS A 266 12.34 0.64 6.29
C HIS A 266 13.25 0.41 5.09
N ILE A 267 13.17 -0.75 4.45
CA ILE A 267 14.15 -1.18 3.45
C ILE A 267 13.37 -1.46 2.19
N LEU A 268 13.85 -0.90 1.07
CA LEU A 268 13.32 -1.20 -0.25
C LEU A 268 14.36 -2.00 -1.04
N LYS A 269 13.89 -2.76 -2.02
CA LYS A 269 14.69 -3.78 -2.69
C LYS A 269 15.62 -3.24 -3.78
N SER A 270 15.47 -1.99 -4.19
CA SER A 270 16.45 -1.39 -5.09
C SER A 270 16.81 0.03 -4.60
N ALA A 271 17.93 0.54 -5.11
CA ALA A 271 18.42 1.88 -4.74
C ALA A 271 17.68 2.97 -5.50
N MET A 272 17.23 3.99 -4.77
CA MET A 272 16.40 5.04 -5.32
C MET A 272 16.93 6.40 -4.86
N CYS A 273 17.51 7.14 -5.80
CA CYS A 273 17.92 8.51 -5.53
C CYS A 273 16.70 9.42 -5.48
N ALA A 274 16.77 10.43 -4.61
CA ALA A 274 15.67 11.37 -4.47
C ALA A 274 15.27 12.03 -5.79
N GLU A 275 16.25 12.34 -6.64
CA GLU A 275 15.97 13.03 -7.91
C GLU A 275 15.15 12.19 -8.87
N ALA A 276 15.09 10.88 -8.66
CA ALA A 276 14.20 10.01 -9.44
C ALA A 276 12.73 10.40 -9.30
N ILE A 277 12.34 11.11 -8.23
CA ILE A 277 10.93 11.14 -7.84
C ILE A 277 10.48 12.55 -8.10
N VAL A 278 9.57 12.62 -9.05
CA VAL A 278 8.91 13.83 -9.50
C VAL A 278 7.39 13.71 -9.43
N ALA A 279 6.87 12.56 -9.00
CA ALA A 279 5.44 12.37 -8.80
C ALA A 279 5.31 11.20 -7.84
N GLY A 280 4.08 10.96 -7.39
CA GLY A 280 3.81 9.85 -6.48
C GLY A 280 4.19 8.51 -7.08
N LEU A 281 4.88 7.68 -6.30
CA LEU A 281 5.21 6.31 -6.68
C LEU A 281 4.95 5.40 -5.49
N SER A 282 4.26 4.29 -5.74
CA SER A 282 4.06 3.24 -4.74
C SER A 282 5.27 2.30 -4.77
N VAL A 283 5.85 2.03 -3.59
CA VAL A 283 6.93 1.07 -3.45
C VAL A 283 6.52 0.09 -2.37
N GLU A 284 7.12 -1.10 -2.41
CA GLU A 284 6.88 -2.16 -1.43
C GLU A 284 8.15 -2.35 -0.61
N THR A 285 8.00 -2.45 0.69
CA THR A 285 9.16 -2.62 1.55
C THR A 285 9.48 -4.11 1.63
N LEU A 286 10.62 -4.45 2.24
CA LEU A 286 10.89 -5.87 2.47
C LEU A 286 9.88 -6.52 3.41
N GLU A 287 9.17 -5.76 4.25
CA GLU A 287 8.15 -6.33 5.13
C GLU A 287 6.87 -6.66 4.36
N GLY A 288 6.60 -5.98 3.25
CA GLY A 288 5.43 -6.24 2.41
C GLY A 288 4.47 -5.07 2.29
N THR A 289 4.60 -4.07 3.14
CA THR A 289 3.75 -2.89 3.11
C THR A 289 4.08 -2.00 1.94
N THR A 290 3.06 -1.33 1.43
CA THR A 290 3.21 -0.32 0.40
C THR A 290 3.35 1.07 1.01
N LEU A 291 4.33 1.83 0.53
CA LEU A 291 4.49 3.23 0.87
C LEU A 291 4.29 4.08 -0.37
N GLU A 292 3.69 5.25 -0.20
CA GLU A 292 3.54 6.23 -1.26
C GLU A 292 4.72 7.20 -1.14
N VAL A 293 5.72 7.03 -2.03
CA VAL A 293 6.83 7.96 -2.12
C VAL A 293 6.37 9.06 -3.07
N GLY A 294 6.69 10.29 -2.73
CA GLY A 294 6.31 11.43 -3.52
C GLY A 294 7.21 12.56 -3.17
N CYS A 295 6.77 13.78 -3.47
CA CYS A 295 7.64 14.93 -3.24
C CYS A 295 6.82 16.20 -3.31
N SER A 296 7.30 17.20 -2.57
CA SER A 296 6.69 18.51 -2.49
C SER A 296 7.84 19.51 -2.52
N GLY A 297 8.01 20.19 -3.65
CA GLY A 297 9.21 20.99 -3.86
C GLY A 297 10.43 20.10 -3.82
N ASP A 298 11.42 20.50 -3.03
CA ASP A 298 12.66 19.78 -2.80
C ASP A 298 12.59 18.85 -1.59
N MET A 299 11.38 18.52 -1.12
CA MET A 299 11.18 17.67 0.05
C MET A 299 10.61 16.34 -0.42
N LEU A 300 11.31 15.24 -0.13
CA LEU A 300 10.73 13.92 -0.33
C LEU A 300 9.70 13.64 0.76
N THR A 301 8.58 13.02 0.38
CA THR A 301 7.49 12.69 1.29
C THR A 301 7.27 11.16 1.30
N ILE A 302 6.94 10.63 2.48
CA ILE A 302 6.48 9.25 2.65
C ILE A 302 5.03 9.33 3.11
N ASN A 303 4.13 8.69 2.35
CA ASN A 303 2.68 8.77 2.56
C ASN A 303 2.22 10.21 2.79
N GLY A 304 2.75 11.13 2.01
CA GLY A 304 2.36 12.51 2.08
C GLY A 304 3.00 13.34 3.16
N LYS A 305 3.79 12.74 4.04
CA LYS A 305 4.39 13.46 5.17
C LYS A 305 5.85 13.73 4.89
N ALA A 306 6.26 14.99 5.05
CA ALA A 306 7.61 15.44 4.72
C ALA A 306 8.52 15.12 5.89
N ILE A 307 8.92 13.85 5.97
CA ILE A 307 9.67 13.33 7.10
C ILE A 307 11.06 12.87 6.72
N ILE A 308 11.51 13.16 5.50
CA ILE A 308 12.88 12.88 5.07
C ILE A 308 13.70 14.15 5.32
N SER A 309 14.61 14.10 6.28
CA SER A 309 15.43 15.25 6.66
C SER A 309 16.81 15.25 6.02
N ASN A 310 17.21 14.20 5.34
CA ASN A 310 18.49 14.20 4.63
C ASN A 310 18.48 13.14 3.55
N LYS A 311 18.70 13.56 2.31
CA LYS A 311 18.55 12.72 1.13
C LYS A 311 19.92 12.26 0.63
N ASP A 312 19.93 11.07 0.03
CA ASP A 312 20.99 10.65 -0.90
C ASP A 312 22.33 10.45 -0.20
N ILE A 313 22.33 9.77 0.93
CA ILE A 313 23.59 9.37 1.57
C ILE A 313 23.99 8.05 0.91
N LEU A 314 25.16 8.02 0.30
CA LEU A 314 25.49 6.95 -0.63
C LEU A 314 26.32 5.86 0.02
N ALA A 315 25.99 4.63 -0.27
CA ALA A 315 26.74 3.48 0.22
C ALA A 315 27.08 2.59 -0.97
N THR A 316 28.03 1.66 -0.76
CA THR A 316 28.42 0.74 -1.82
C THR A 316 27.32 -0.24 -2.17
N ASN A 317 26.39 -0.49 -1.24
CA ASN A 317 25.27 -1.37 -1.50
C ASN A 317 23.93 -0.65 -1.41
N GLY A 318 23.92 0.68 -1.70
CA GLY A 318 22.71 1.42 -1.96
C GLY A 318 22.71 2.81 -1.35
N VAL A 319 21.48 3.29 -1.11
CA VAL A 319 21.20 4.68 -0.76
C VAL A 319 20.49 4.69 0.59
N ILE A 320 20.81 5.70 1.40
CA ILE A 320 20.19 5.95 2.69
C ILE A 320 19.51 7.30 2.62
N HIS A 321 18.26 7.37 3.05
CA HIS A 321 17.59 8.63 3.34
C HIS A 321 17.18 8.65 4.80
N TYR A 322 17.52 9.74 5.50
CA TYR A 322 17.29 9.90 6.92
C TYR A 322 15.83 10.25 7.15
N ILE A 323 15.14 9.52 8.03
CA ILE A 323 13.70 9.68 8.25
C ILE A 323 13.44 10.03 9.72
N ASP A 324 12.51 10.97 9.93
CA ASP A 324 12.24 11.56 11.24
C ASP A 324 11.11 10.87 12.02
N GLU A 325 10.38 9.96 11.38
CA GLU A 325 9.32 9.21 12.02
C GLU A 325 9.52 7.75 11.69
N LEU A 326 9.19 6.89 12.64
CA LEU A 326 9.30 5.46 12.46
C LEU A 326 8.10 4.89 11.69
N LEU A 327 8.41 4.03 10.71
CA LEU A 327 7.40 3.43 9.83
C LEU A 327 7.02 2.08 10.41
N ILE A 328 6.16 2.09 11.41
CA ILE A 328 5.77 0.88 12.14
C ILE A 328 4.78 0.15 11.26
N PRO A 329 5.05 -1.08 10.81
CA PRO A 329 4.06 -1.78 10.01
C PRO A 329 2.94 -2.32 10.90
N ASP A 330 1.80 -2.63 10.26
CA ASP A 330 0.65 -3.20 10.98
C ASP A 330 1.03 -4.46 11.72
N SER A 331 1.91 -5.27 11.13
CA SER A 331 2.33 -6.55 11.69
C SER A 331 3.11 -6.44 12.98
N ALA A 332 3.55 -5.23 13.35
CA ALA A 332 4.16 -4.97 14.66
C ALA A 332 3.19 -4.39 15.69
N LYS A 333 1.96 -4.09 15.30
CA LYS A 333 1.02 -3.36 16.15
C LYS A 333 0.06 -4.24 16.95
N THR A 334 -0.44 -3.69 18.06
CA THR A 334 -1.59 -4.25 18.73
C THR A 334 -2.84 -3.94 17.91
N LEU A 335 -3.95 -4.61 18.29
CA LEU A 335 -5.23 -4.34 17.64
C LEU A 335 -5.66 -2.88 17.84
N PHE A 336 -5.46 -2.35 19.05
CA PHE A 336 -5.84 -0.96 19.27
C PHE A 336 -5.00 -0.01 18.42
N GLU A 337 -3.69 -0.24 18.38
CA GLU A 337 -2.79 0.63 17.61
C GLU A 337 -3.20 0.65 16.14
N LEU A 338 -3.48 -0.53 15.56
CA LEU A 338 -3.78 -0.53 14.13
C LEU A 338 -5.21 -0.14 13.78
N ALA A 339 -6.13 -0.11 14.75
CA ALA A 339 -7.53 0.13 14.47
C ALA A 339 -8.10 1.45 15.01
N ALA A 340 -7.48 2.07 16.01
CA ALA A 340 -8.11 3.19 16.71
C ALA A 340 -8.37 4.39 15.80
N GLU A 341 -7.52 4.61 14.79
CA GLU A 341 -7.65 5.71 13.82
C GLU A 341 -7.91 5.15 12.42
N SER A 342 -9.00 4.40 12.25
CA SER A 342 -9.23 3.68 11.00
C SER A 342 -10.70 3.79 10.62
N ASP A 343 -11.13 2.97 9.66
CA ASP A 343 -12.52 2.93 9.26
C ASP A 343 -13.43 2.25 10.28
N VAL A 344 -12.86 1.61 11.30
CA VAL A 344 -13.65 0.99 12.39
C VAL A 344 -13.43 1.71 13.74
N SER A 345 -12.99 2.96 13.73
CA SER A 345 -12.61 3.62 14.97
C SER A 345 -13.78 3.80 15.94
N THR A 346 -15.00 3.98 15.42
CA THR A 346 -16.17 4.01 16.28
C THR A 346 -16.31 2.71 17.05
N ALA A 347 -16.29 1.57 16.34
CA ALA A 347 -16.41 0.27 17.00
C ALA A 347 -15.32 0.08 18.05
N ILE A 348 -14.08 0.50 17.73
CA ILE A 348 -12.99 0.39 18.69
C ILE A 348 -13.28 1.22 19.92
N ASP A 349 -13.88 2.39 19.74
CA ASP A 349 -14.19 3.22 20.89
C ASP A 349 -15.21 2.53 21.78
N LEU A 350 -16.16 1.80 21.19
CA LEU A 350 -17.20 1.14 21.97
C LEU A 350 -16.65 -0.05 22.75
N PHE A 351 -15.69 -0.79 22.16
CA PHE A 351 -15.03 -1.85 22.90
C PHE A 351 -14.35 -1.28 24.14
N ARG A 352 -13.71 -0.12 23.99
CA ARG A 352 -13.04 0.53 25.12
C ARG A 352 -14.05 0.91 26.19
N GLN A 353 -15.13 1.59 25.79
CA GLN A 353 -16.13 2.03 26.74
C GLN A 353 -16.82 0.88 27.45
N ALA A 354 -16.85 -0.32 26.85
CA ALA A 354 -17.49 -1.48 27.47
C ALA A 354 -16.53 -2.28 28.34
N GLY A 355 -15.35 -1.76 28.65
CA GLY A 355 -14.41 -2.47 29.49
C GLY A 355 -13.65 -3.59 28.81
N LEU A 356 -13.65 -3.64 27.47
CA LEU A 356 -13.04 -4.72 26.70
C LEU A 356 -11.72 -4.30 26.04
N GLY A 357 -11.19 -3.13 26.39
CA GLY A 357 -9.99 -2.64 25.73
C GLY A 357 -8.72 -3.44 25.98
N ASN A 358 -8.64 -4.17 27.11
CA ASN A 358 -7.46 -4.97 27.40
C ASN A 358 -7.23 -6.10 26.43
N HIS A 359 -8.32 -6.61 25.86
CA HIS A 359 -8.20 -7.63 24.85
C HIS A 359 -7.48 -7.08 23.60
N LEU A 360 -7.56 -5.77 23.35
CA LEU A 360 -7.08 -5.16 22.13
C LEU A 360 -5.71 -4.50 22.25
N SER A 361 -5.21 -4.33 23.47
CA SER A 361 -4.07 -3.48 23.77
C SER A 361 -2.81 -4.26 24.11
N GLY A 362 -2.94 -5.56 24.36
CA GLY A 362 -1.80 -6.41 24.66
C GLY A 362 -1.55 -7.49 23.60
N SER A 363 -1.17 -8.67 24.10
CA SER A 363 -0.64 -9.75 23.28
C SER A 363 -1.60 -10.93 23.14
N GLU A 364 -2.89 -10.70 23.33
CA GLU A 364 -3.86 -11.79 23.26
C GLU A 364 -4.05 -12.20 21.81
N ARG A 365 -4.08 -13.51 21.56
CA ARG A 365 -4.23 -14.04 20.19
C ARG A 365 -5.71 -14.05 19.85
N LEU A 366 -6.16 -13.02 19.13
CA LEU A 366 -7.58 -12.82 18.88
C LEU A 366 -7.81 -12.32 17.46
N THR A 367 -9.05 -12.44 17.04
CA THR A 367 -9.57 -11.84 15.81
C THR A 367 -10.75 -10.99 16.22
N LEU A 368 -10.77 -9.75 15.76
CA LEU A 368 -11.77 -8.76 16.12
C LEU A 368 -12.71 -8.53 14.94
N LEU A 369 -13.99 -8.74 15.14
CA LEU A 369 -15.01 -8.42 14.14
C LEU A 369 -15.53 -7.02 14.45
N ALA A 370 -15.05 -6.04 13.69
CA ALA A 370 -15.37 -4.63 13.93
C ALA A 370 -16.17 -4.09 12.76
N PRO A 371 -17.47 -3.71 12.94
CA PRO A 371 -18.18 -3.10 11.82
C PRO A 371 -17.61 -1.73 11.44
N LEU A 372 -17.88 -1.33 10.20
CA LEU A 372 -17.43 -0.05 9.67
C LEU A 372 -18.11 1.11 10.38
N ASN A 373 -17.45 2.28 10.35
CA ASN A 373 -18.01 3.47 10.99
C ASN A 373 -19.37 3.85 10.40
N SER A 374 -19.58 3.63 9.10
CA SER A 374 -20.85 3.96 8.49
C SER A 374 -22.02 3.17 9.07
N VAL A 375 -21.75 1.98 9.65
CA VAL A 375 -22.80 1.21 10.32
C VAL A 375 -23.43 2.04 11.44
N PHE A 376 -22.63 2.86 12.13
CA PHE A 376 -23.05 3.65 13.28
C PHE A 376 -23.38 5.09 12.92
N LYS A 377 -23.73 5.35 11.66
CA LYS A 377 -24.06 6.70 11.23
C LYS A 377 -25.27 7.26 11.98
N ASP A 378 -26.32 6.46 12.12
CA ASP A 378 -27.54 6.91 12.78
C ASP A 378 -27.53 6.69 14.29
N GLY A 379 -26.36 6.44 14.89
CA GLY A 379 -26.24 6.39 16.34
C GLY A 379 -25.51 5.17 16.85
N THR A 380 -25.06 5.22 18.07
CA THR A 380 -24.32 4.17 18.73
C THR A 380 -25.20 3.41 19.71
N PRO A 381 -25.04 2.10 19.91
CA PRO A 381 -25.75 1.44 21.03
C PRO A 381 -25.23 1.94 22.36
N PRO A 382 -26.02 1.82 23.44
CA PRO A 382 -25.58 2.34 24.73
C PRO A 382 -24.81 1.32 25.55
N ILE A 383 -24.03 1.84 26.50
CA ILE A 383 -22.98 1.04 27.16
C ILE A 383 -23.62 0.45 28.40
N ASP A 384 -24.28 -0.69 28.18
CA ASP A 384 -25.03 -1.52 29.11
C ASP A 384 -24.18 -2.80 29.42
N ALA A 385 -24.83 -3.77 30.05
CA ALA A 385 -24.35 -5.13 30.09
C ALA A 385 -24.75 -5.89 28.84
N HIS A 386 -25.91 -5.54 28.24
CA HIS A 386 -26.33 -6.19 26.99
C HIS A 386 -25.38 -5.84 25.87
N THR A 387 -25.05 -4.56 25.67
CA THR A 387 -24.15 -4.20 24.59
C THR A 387 -22.76 -4.77 24.86
N ARG A 388 -22.30 -4.68 26.12
CA ARG A 388 -21.02 -5.28 26.49
C ARG A 388 -20.96 -6.74 26.08
N ASN A 389 -22.03 -7.47 26.36
CA ASN A 389 -22.06 -8.89 26.05
C ASN A 389 -22.03 -9.16 24.56
N LEU A 390 -22.80 -8.38 23.79
CA LEU A 390 -22.78 -8.54 22.36
C LEU A 390 -21.38 -8.20 21.83
N LEU A 391 -20.72 -7.21 22.41
CA LEU A 391 -19.43 -6.82 21.89
C LEU A 391 -18.37 -7.88 22.18
N ARG A 392 -18.45 -8.50 23.37
CA ARG A 392 -17.59 -9.64 23.68
C ARG A 392 -17.74 -10.75 22.65
N ASN A 393 -18.93 -10.92 22.08
CA ASN A 393 -19.15 -11.94 21.06
C ASN A 393 -18.69 -11.52 19.66
N HIS A 394 -18.16 -10.31 19.51
CA HIS A 394 -17.40 -9.91 18.33
C HIS A 394 -15.90 -10.12 18.48
N ILE A 395 -15.45 -10.79 19.54
CA ILE A 395 -14.03 -11.06 19.79
C ILE A 395 -13.85 -12.58 19.75
N ILE A 396 -13.06 -13.05 18.77
CA ILE A 396 -12.84 -14.47 18.48
C ILE A 396 -11.52 -14.93 19.10
N LYS A 397 -11.53 -16.13 19.68
CA LYS A 397 -10.28 -16.79 20.05
C LYS A 397 -9.45 -17.20 18.83
N ASP A 398 -8.12 -17.00 18.94
CA ASP A 398 -7.07 -17.24 17.95
C ASP A 398 -6.99 -16.10 16.94
N GLN A 399 -5.81 -15.97 16.34
CA GLN A 399 -5.57 -15.03 15.24
C GLN A 399 -5.81 -15.74 13.91
N LEU A 400 -6.73 -15.22 13.12
CA LEU A 400 -7.22 -15.87 11.93
C LEU A 400 -7.00 -14.93 10.75
N ALA A 401 -7.04 -15.52 9.57
CA ALA A 401 -7.01 -14.80 8.31
C ALA A 401 -8.27 -15.20 7.56
N SER A 402 -9.05 -14.19 7.14
CA SER A 402 -10.35 -14.47 6.56
C SER A 402 -10.21 -15.19 5.26
N LYS A 403 -9.14 -15.05 4.63
CA LYS A 403 -9.09 -15.81 3.46
C LYS A 403 -8.85 -17.26 3.54
N TYR A 404 -8.29 -17.71 4.62
CA TYR A 404 -8.12 -19.13 4.82
C TYR A 404 -9.30 -19.80 5.55
N LEU A 405 -10.36 -19.07 5.85
CA LEU A 405 -11.52 -19.68 6.46
C LEU A 405 -12.26 -20.57 5.45
N TYR A 406 -12.90 -21.61 5.96
CA TYR A 406 -13.63 -22.55 5.12
C TYR A 406 -15.10 -22.59 5.53
N HIS A 407 -15.93 -22.93 4.53
CA HIS A 407 -17.37 -23.08 4.72
C HIS A 407 -17.64 -24.06 5.83
N GLY A 408 -18.49 -23.67 6.77
CA GLY A 408 -18.83 -24.56 7.86
C GLY A 408 -17.84 -24.55 9.00
N GLN A 409 -16.79 -23.73 8.92
CA GLN A 409 -15.93 -23.53 10.06
C GLN A 409 -16.74 -22.86 11.17
N THR A 410 -16.37 -23.12 12.42
CA THR A 410 -16.97 -22.45 13.56
C THR A 410 -15.90 -21.70 14.36
N LEU A 411 -16.23 -20.49 14.76
CA LEU A 411 -15.35 -19.61 15.52
C LEU A 411 -15.85 -19.45 16.94
N GLU A 412 -14.97 -19.60 17.92
CA GLU A 412 -15.33 -19.49 19.33
C GLU A 412 -15.07 -18.06 19.80
N THR A 413 -16.06 -17.47 20.45
CA THR A 413 -15.95 -16.11 20.92
C THR A 413 -15.54 -16.09 22.40
N LEU A 414 -15.12 -14.89 22.85
CA LEU A 414 -14.88 -14.68 24.26
C LEU A 414 -16.17 -14.62 25.07
N GLY A 415 -17.33 -14.45 24.43
CA GLY A 415 -18.61 -14.60 25.08
C GLY A 415 -19.09 -16.02 25.22
N GLY A 416 -18.27 -17.01 24.85
CA GLY A 416 -18.66 -18.41 24.93
C GLY A 416 -19.48 -18.93 23.79
N LYS A 417 -19.66 -18.17 22.72
CA LYS A 417 -20.52 -18.56 21.62
C LYS A 417 -19.70 -19.15 20.48
N LYS A 418 -20.38 -19.91 19.64
CA LYS A 418 -19.82 -20.51 18.44
C LYS A 418 -20.53 -19.91 17.25
N LEU A 419 -19.78 -19.20 16.42
CA LEU A 419 -20.29 -18.50 15.26
C LEU A 419 -19.95 -19.30 14.01
N ARG A 420 -20.85 -19.27 13.02
CA ARG A 420 -20.70 -20.06 11.81
C ARG A 420 -20.11 -19.22 10.67
N VAL A 421 -19.15 -19.81 9.94
CA VAL A 421 -18.56 -19.17 8.77
C VAL A 421 -19.31 -19.67 7.54
N PHE A 422 -19.77 -18.76 6.69
CA PHE A 422 -20.39 -19.10 5.41
C PHE A 422 -19.51 -18.49 4.32
N VAL A 423 -18.96 -19.38 3.48
CA VAL A 423 -18.11 -18.99 2.36
C VAL A 423 -18.96 -19.11 1.11
N TYR A 424 -19.26 -17.96 0.51
CA TYR A 424 -19.95 -17.89 -0.76
C TYR A 424 -18.98 -17.46 -1.85
N ARG A 425 -19.47 -17.46 -3.10
CA ARG A 425 -18.58 -17.27 -4.26
C ARG A 425 -17.94 -15.90 -4.26
N ASN A 426 -18.71 -14.87 -3.86
CA ASN A 426 -18.25 -13.49 -3.90
C ASN A 426 -18.35 -12.77 -2.56
N SER A 427 -18.53 -13.50 -1.48
CA SER A 427 -18.54 -12.88 -0.16
C SER A 427 -18.26 -13.96 0.87
N LEU A 428 -17.77 -13.51 2.01
CA LEU A 428 -17.50 -14.31 3.20
C LEU A 428 -18.30 -13.71 4.34
N CYS A 429 -19.09 -14.54 5.03
CA CYS A 429 -19.93 -14.07 6.11
C CYS A 429 -19.70 -14.92 7.35
N ILE A 430 -19.88 -14.27 8.50
CA ILE A 430 -19.83 -14.90 9.81
C ILE A 430 -21.19 -14.58 10.38
N GLU A 431 -22.04 -15.59 10.51
CA GLU A 431 -23.46 -15.40 10.84
C GLU A 431 -24.03 -14.42 9.81
N ASN A 432 -24.70 -13.35 10.23
CA ASN A 432 -25.31 -12.38 9.32
C ASN A 432 -24.33 -11.34 8.77
N SER A 433 -23.11 -11.26 9.30
CA SER A 433 -22.21 -10.14 9.01
C SER A 433 -21.10 -10.57 8.04
N CYS A 434 -20.80 -9.70 7.07
CA CYS A 434 -19.91 -10.09 5.98
C CYS A 434 -18.73 -9.14 5.86
N ILE A 435 -17.58 -9.72 5.53
CA ILE A 435 -16.33 -8.98 5.46
C ILE A 435 -16.47 -7.92 4.38
N ALA A 436 -16.01 -6.70 4.72
CA ALA A 436 -16.17 -5.53 3.89
C ALA A 436 -14.85 -4.90 3.47
N ALA A 437 -13.72 -5.37 3.97
CA ALA A 437 -12.42 -4.86 3.53
C ALA A 437 -11.39 -5.88 3.95
N HIS A 438 -10.18 -5.70 3.45
CA HIS A 438 -9.09 -6.61 3.73
C HIS A 438 -8.76 -6.64 5.21
N ASP A 439 -8.23 -7.79 5.64
CA ASP A 439 -7.74 -7.91 7.01
C ASP A 439 -6.62 -6.90 7.26
N LYS A 440 -6.48 -6.50 8.51
CA LYS A 440 -5.30 -5.83 9.03
C LYS A 440 -4.73 -6.78 10.08
N ARG A 441 -3.58 -7.36 9.77
CA ARG A 441 -2.94 -8.36 10.61
C ARG A 441 -1.94 -7.68 11.53
N GLY A 442 -2.20 -7.75 12.82
CA GLY A 442 -1.29 -7.28 13.83
C GLY A 442 -0.28 -8.34 14.22
N ARG A 443 0.55 -7.97 15.21
CA ARG A 443 1.51 -8.91 15.75
C ARG A 443 0.82 -10.12 16.37
N TYR A 444 -0.20 -9.87 17.17
CA TYR A 444 -0.88 -10.89 17.96
C TYR A 444 -2.32 -11.10 17.57
N GLY A 445 -2.99 -10.09 17.00
CA GLY A 445 -4.37 -10.25 16.58
C GLY A 445 -4.61 -9.61 15.23
N THR A 446 -5.79 -9.95 14.66
CA THR A 446 -6.16 -9.48 13.34
C THR A 446 -7.52 -8.84 13.38
N LEU A 447 -7.66 -7.76 12.63
CA LEU A 447 -8.93 -7.08 12.50
C LEU A 447 -9.63 -7.54 11.24
N PHE A 448 -10.85 -8.06 11.41
CA PHE A 448 -11.74 -8.26 10.28
C PHE A 448 -12.70 -7.08 10.24
N THR A 449 -12.76 -6.37 9.11
CA THR A 449 -13.69 -5.27 8.93
C THR A 449 -15.00 -5.82 8.36
N MET A 450 -16.11 -5.53 9.04
CA MET A 450 -17.39 -6.14 8.69
C MET A 450 -18.40 -5.07 8.32
N ASP A 451 -19.44 -5.49 7.59
CA ASP A 451 -20.42 -4.53 7.10
C ASP A 451 -21.62 -4.34 8.01
N ARG A 452 -21.66 -5.04 9.15
CA ARG A 452 -22.84 -5.14 9.99
C ARG A 452 -22.45 -5.50 11.42
N VAL A 453 -23.30 -5.10 12.36
CA VAL A 453 -23.25 -5.68 13.69
C VAL A 453 -23.77 -7.11 13.60
N LEU A 454 -23.05 -8.04 14.23
CA LEU A 454 -23.51 -9.42 14.32
C LEU A 454 -24.79 -9.49 15.10
N THR A 455 -25.65 -10.47 14.74
CA THR A 455 -26.83 -10.83 15.50
C THR A 455 -26.76 -12.34 15.73
N PRO A 456 -26.15 -12.79 16.84
CA PRO A 456 -26.00 -14.22 17.03
C PRO A 456 -27.44 -14.91 17.23
N PRO A 457 -27.51 -16.15 16.77
CA PRO A 457 -28.84 -16.79 16.94
C PRO A 457 -29.12 -17.08 18.39
N MET A 458 -30.41 -17.09 18.72
CA MET A 458 -30.89 -17.36 20.07
C MET A 458 -31.67 -18.65 20.18
N GLY A 459 -32.42 -19.03 19.15
CA GLY A 459 -33.19 -20.26 19.18
C GLY A 459 -33.28 -20.90 17.82
N THR A 460 -34.07 -21.98 17.73
CA THR A 460 -34.27 -22.66 16.47
C THR A 460 -35.19 -21.80 15.59
N VAL A 461 -35.38 -22.25 14.35
CA VAL A 461 -36.38 -21.66 13.46
C VAL A 461 -37.73 -21.58 14.16
N MET A 462 -38.15 -22.67 14.81
CA MET A 462 -39.48 -22.63 15.44
C MET A 462 -39.52 -21.65 16.62
N ASP A 463 -38.44 -21.52 17.37
CA ASP A 463 -38.39 -20.48 18.41
C ASP A 463 -38.61 -19.11 17.80
N VAL A 464 -38.01 -18.85 16.64
CA VAL A 464 -38.18 -17.55 15.98
C VAL A 464 -39.63 -17.39 15.57
N LEU A 465 -40.18 -18.40 14.91
CA LEU A 465 -41.53 -18.25 14.37
C LEU A 465 -42.54 -18.21 15.50
N LYS A 466 -42.33 -19.02 16.54
CA LYS A 466 -43.27 -19.02 17.65
C LYS A 466 -43.20 -17.72 18.44
N GLY A 467 -42.11 -17.00 18.40
CA GLY A 467 -41.96 -15.77 19.14
C GLY A 467 -42.53 -14.52 18.51
N ASP A 468 -43.14 -14.64 17.32
CA ASP A 468 -43.64 -13.49 16.58
C ASP A 468 -45.06 -13.78 16.11
N ASN A 469 -45.98 -12.88 16.40
CA ASN A 469 -47.40 -13.11 16.15
C ASN A 469 -47.75 -13.18 14.68
N ARG A 470 -46.88 -12.69 13.81
CA ARG A 470 -47.14 -12.70 12.37
C ARG A 470 -47.10 -14.09 11.75
N PHE A 471 -46.53 -15.08 12.44
CA PHE A 471 -46.35 -16.43 11.93
C PHE A 471 -47.21 -17.48 12.62
N SER A 472 -48.31 -17.08 13.25
CA SER A 472 -49.16 -18.08 13.90
C SER A 472 -49.75 -19.08 12.90
N MET A 473 -50.14 -18.63 11.72
CA MET A 473 -50.63 -19.55 10.69
C MET A 473 -49.51 -20.42 10.15
N LEU A 474 -48.33 -19.86 9.95
CA LEU A 474 -47.19 -20.65 9.54
C LEU A 474 -46.84 -21.72 10.56
N VAL A 475 -46.86 -21.38 11.83
CA VAL A 475 -46.51 -22.35 12.86
C VAL A 475 -47.56 -23.49 12.92
N ALA A 476 -48.85 -23.14 12.88
CA ALA A 476 -49.90 -24.15 12.83
C ALA A 476 -49.81 -25.04 11.57
N ALA A 477 -49.58 -24.42 10.41
CA ALA A 477 -49.41 -25.19 9.18
C ALA A 477 -48.21 -26.14 9.24
N ILE A 478 -47.09 -25.67 9.81
CA ILE A 478 -45.92 -26.54 9.99
C ILE A 478 -46.32 -27.77 10.82
N GLN A 479 -47.03 -27.56 11.92
CA GLN A 479 -47.43 -28.70 12.73
C GLN A 479 -48.35 -29.63 11.93
N SER A 480 -49.31 -29.06 11.21
CA SER A 480 -50.27 -29.86 10.47
C SER A 480 -49.59 -30.65 9.38
N ALA A 481 -48.51 -30.12 8.82
CA ALA A 481 -47.71 -30.74 7.78
C ALA A 481 -46.64 -31.69 8.31
N GLY A 482 -46.50 -31.86 9.62
CA GLY A 482 -45.50 -32.76 10.17
C GLY A 482 -44.07 -32.24 10.10
N LEU A 483 -43.87 -30.95 10.03
CA LEU A 483 -42.55 -30.36 9.88
C LEU A 483 -41.98 -29.76 11.15
N THR A 484 -42.70 -29.79 12.27
CA THR A 484 -42.28 -29.03 13.45
C THR A 484 -40.94 -29.52 13.99
N GLU A 485 -40.75 -30.83 14.10
CA GLU A 485 -39.51 -31.29 14.73
C GLU A 485 -38.34 -31.24 13.77
N THR A 486 -38.57 -31.25 12.45
CA THR A 486 -37.50 -30.94 11.50
C THR A 486 -36.93 -29.56 11.79
N LEU A 487 -37.80 -28.59 11.97
CA LEU A 487 -37.36 -27.21 12.10
C LEU A 487 -37.01 -26.84 13.53
N ASN A 488 -37.07 -27.76 14.48
CA ASN A 488 -36.55 -27.54 15.82
C ASN A 488 -35.34 -28.39 16.15
N ARG A 489 -34.85 -29.20 15.20
CA ARG A 489 -33.60 -29.93 15.36
C ARG A 489 -32.53 -29.34 14.43
N GLU A 490 -31.31 -29.87 14.59
CA GLU A 490 -30.14 -29.32 13.93
C GLU A 490 -30.29 -29.33 12.42
N GLY A 491 -29.77 -28.28 11.79
CA GLY A 491 -29.95 -28.14 10.36
C GLY A 491 -29.31 -26.88 9.84
N VAL A 492 -29.41 -26.72 8.52
CA VAL A 492 -28.89 -25.57 7.80
C VAL A 492 -29.96 -25.06 6.86
N TYR A 493 -31.08 -24.58 7.39
CA TYR A 493 -32.22 -24.18 6.58
C TYR A 493 -32.21 -22.70 6.26
N THR A 494 -32.86 -22.35 5.14
CA THR A 494 -33.21 -20.98 4.80
C THR A 494 -34.72 -20.97 4.63
N VAL A 495 -35.43 -20.34 5.55
CA VAL A 495 -36.88 -20.37 5.60
C VAL A 495 -37.39 -19.02 5.13
N PHE A 496 -38.06 -19.02 3.99
CA PHE A 496 -38.83 -17.88 3.52
C PHE A 496 -40.21 -17.99 4.18
N ALA A 497 -40.38 -17.24 5.27
CA ALA A 497 -41.50 -17.43 6.19
C ALA A 497 -42.63 -16.48 5.85
N PRO A 498 -43.78 -16.96 5.35
CA PRO A 498 -44.85 -16.01 5.04
C PRO A 498 -45.64 -15.65 6.28
N THR A 499 -45.99 -14.37 6.37
CA THR A 499 -46.78 -13.85 7.47
C THR A 499 -48.25 -14.28 7.32
N ASN A 500 -49.04 -13.94 8.33
CA ASN A 500 -50.46 -14.27 8.31
C ASN A 500 -51.17 -13.56 7.16
N GLU A 501 -50.80 -12.30 6.90
CA GLU A 501 -51.37 -11.58 5.76
C GLU A 501 -50.99 -12.25 4.42
N ALA A 502 -49.85 -12.89 4.36
CA ALA A 502 -49.50 -13.61 3.13
C ALA A 502 -50.49 -14.77 2.88
N PHE A 503 -50.74 -15.58 3.90
CA PHE A 503 -51.63 -16.72 3.74
C PHE A 503 -53.06 -16.26 3.45
N ARG A 504 -53.54 -15.21 4.13
CA ARG A 504 -54.87 -14.70 3.82
C ARG A 504 -54.96 -14.05 2.44
N ALA A 505 -53.84 -13.68 1.82
CA ALA A 505 -53.88 -13.10 0.48
C ALA A 505 -54.03 -14.17 -0.60
N LEU A 506 -53.79 -15.45 -0.29
CA LEU A 506 -53.97 -16.50 -1.28
C LEU A 506 -55.42 -16.52 -1.78
N PRO A 507 -55.64 -16.57 -3.10
CA PRO A 507 -57.02 -16.63 -3.56
C PRO A 507 -57.66 -17.94 -3.16
N PRO A 508 -59.01 -18.01 -3.20
CA PRO A 508 -59.70 -19.28 -2.89
C PRO A 508 -59.24 -20.50 -3.70
N ARG A 509 -58.89 -20.33 -4.98
CA ARG A 509 -58.49 -21.49 -5.76
C ARG A 509 -57.18 -22.06 -5.25
N GLU A 510 -56.29 -21.22 -4.71
CA GLU A 510 -55.04 -21.71 -4.15
C GLU A 510 -55.24 -22.30 -2.75
N TRP A 511 -56.01 -21.62 -1.90
CA TRP A 511 -56.25 -22.10 -0.55
C TRP A 511 -56.94 -23.46 -0.56
N SER A 512 -57.86 -23.67 -1.49
CA SER A 512 -58.63 -24.91 -1.45
C SER A 512 -57.80 -26.12 -1.88
N ARG A 513 -56.60 -25.93 -2.41
CA ARG A 513 -55.71 -27.06 -2.64
C ARG A 513 -55.11 -27.61 -1.33
N LEU A 514 -55.12 -26.82 -0.26
CA LEU A 514 -54.68 -27.31 1.03
C LEU A 514 -55.72 -28.16 1.73
N LEU A 515 -56.99 -28.06 1.31
CA LEU A 515 -58.07 -28.71 2.04
C LEU A 515 -58.10 -30.20 1.76
N GLY A 516 -58.10 -30.99 2.84
CA GLY A 516 -58.00 -32.44 2.76
C GLY A 516 -56.68 -32.98 2.28
N ASP A 517 -55.68 -32.12 2.05
CA ASP A 517 -54.43 -32.49 1.38
C ASP A 517 -53.29 -31.98 2.25
N ALA A 518 -53.02 -32.72 3.33
CA ALA A 518 -51.91 -32.30 4.19
C ALA A 518 -50.57 -32.47 3.46
N LYS A 519 -50.46 -33.44 2.54
CA LYS A 519 -49.18 -33.61 1.85
C LYS A 519 -48.94 -32.46 0.90
N GLU A 520 -49.98 -31.85 0.34
CA GLU A 520 -49.79 -30.67 -0.49
C GLU A 520 -49.35 -29.47 0.35
N LEU A 521 -49.92 -29.29 1.54
CA LEU A 521 -49.45 -28.27 2.44
C LEU A 521 -47.98 -28.49 2.76
N ALA A 522 -47.61 -29.73 3.07
CA ALA A 522 -46.21 -30.06 3.31
C ALA A 522 -45.34 -29.70 2.11
N ASN A 523 -45.77 -30.05 0.90
CA ASN A 523 -44.96 -29.77 -0.28
C ASN A 523 -44.80 -28.27 -0.50
N ILE A 524 -45.85 -27.50 -0.24
CA ILE A 524 -45.78 -26.05 -0.38
C ILE A 524 -44.83 -25.46 0.66
N LEU A 525 -44.98 -25.85 1.92
CA LEU A 525 -44.09 -25.34 2.96
C LEU A 525 -42.64 -25.72 2.70
N LYS A 526 -42.42 -26.96 2.25
CA LYS A 526 -41.04 -27.38 2.01
C LYS A 526 -40.43 -26.66 0.81
N TYR A 527 -41.24 -26.17 -0.11
CA TYR A 527 -40.72 -25.35 -1.20
C TYR A 527 -40.18 -24.01 -0.68
N HIS A 528 -40.68 -23.53 0.44
CA HIS A 528 -40.22 -22.30 1.07
C HIS A 528 -38.97 -22.47 1.92
N ILE A 529 -38.37 -23.66 1.94
CA ILE A 529 -37.26 -23.96 2.86
C ILE A 529 -36.09 -24.40 2.01
N GLY A 530 -35.08 -23.52 1.92
CA GLY A 530 -33.83 -23.92 1.32
C GLY A 530 -33.07 -24.91 2.20
N ASP A 531 -32.24 -25.73 1.55
CA ASP A 531 -31.51 -26.80 2.20
C ASP A 531 -30.11 -26.40 2.65
N GLU A 532 -29.71 -25.13 2.48
CA GLU A 532 -28.48 -24.58 3.04
C GLU A 532 -28.76 -23.15 3.46
N ILE A 533 -27.84 -22.58 4.27
CA ILE A 533 -28.05 -21.27 4.87
C ILE A 533 -27.55 -20.23 3.88
N LEU A 534 -28.45 -19.37 3.42
CA LEU A 534 -28.14 -18.27 2.52
C LEU A 534 -28.57 -17.00 3.26
N VAL A 535 -27.61 -16.35 3.93
CA VAL A 535 -27.85 -15.01 4.46
C VAL A 535 -27.78 -14.01 3.31
N SER A 536 -28.39 -12.83 3.51
CA SER A 536 -28.52 -11.85 2.43
C SER A 536 -27.18 -11.39 1.90
N GLY A 537 -26.16 -11.37 2.74
CA GLY A 537 -24.86 -10.95 2.24
C GLY A 537 -24.18 -11.97 1.37
N GLY A 538 -24.74 -13.17 1.24
CA GLY A 538 -24.23 -14.14 0.29
C GLY A 538 -24.93 -14.19 -1.05
N ILE A 539 -25.87 -13.30 -1.32
CA ILE A 539 -26.70 -13.32 -2.52
C ILE A 539 -26.11 -12.29 -3.46
N GLY A 540 -25.80 -12.72 -4.68
CA GLY A 540 -25.35 -11.84 -5.76
C GLY A 540 -26.47 -11.51 -6.73
N ALA A 541 -26.13 -11.47 -8.01
CA ALA A 541 -27.12 -11.18 -9.03
C ALA A 541 -28.22 -12.24 -9.04
N LEU A 542 -27.85 -13.50 -8.86
CA LEU A 542 -28.78 -14.60 -8.96
C LEU A 542 -28.14 -15.90 -8.47
N VAL A 543 -28.82 -16.60 -7.57
CA VAL A 543 -28.34 -17.82 -6.94
C VAL A 543 -29.53 -18.76 -6.93
N ARG A 544 -29.27 -20.04 -7.23
CA ARG A 544 -30.28 -21.07 -7.08
C ARG A 544 -30.11 -21.77 -5.76
N LEU A 545 -31.22 -21.89 -5.05
CA LEU A 545 -31.28 -22.56 -3.76
C LEU A 545 -32.25 -23.72 -3.86
N LYS A 546 -31.75 -24.93 -3.63
CA LYS A 546 -32.59 -26.12 -3.65
C LYS A 546 -33.49 -26.15 -2.42
N SER A 547 -34.79 -26.23 -2.62
CA SER A 547 -35.74 -26.35 -1.51
C SER A 547 -35.83 -27.81 -1.05
N LEU A 548 -36.39 -28.01 0.13
CA LEU A 548 -36.66 -29.37 0.62
C LEU A 548 -37.72 -30.09 -0.21
N GLN A 549 -38.57 -29.35 -0.93
CA GLN A 549 -39.49 -29.98 -1.86
C GLN A 549 -38.77 -30.55 -3.06
N GLY A 550 -37.56 -30.05 -3.38
CA GLY A 550 -36.75 -30.57 -4.47
C GLY A 550 -36.44 -29.55 -5.55
N ASP A 551 -37.44 -28.74 -5.91
CA ASP A 551 -37.25 -27.72 -6.92
C ASP A 551 -36.49 -26.55 -6.32
N LYS A 552 -35.89 -25.75 -7.21
CA LYS A 552 -34.95 -24.71 -6.80
C LYS A 552 -35.64 -23.34 -6.77
N LEU A 553 -35.28 -22.56 -5.78
CA LEU A 553 -35.71 -21.17 -5.67
C LEU A 553 -34.69 -20.29 -6.38
N GLU A 554 -35.16 -19.18 -6.94
CA GLU A 554 -34.30 -18.20 -7.61
C GLU A 554 -34.21 -17.00 -6.69
N VAL A 555 -33.03 -16.78 -6.10
CA VAL A 555 -32.80 -15.71 -5.14
C VAL A 555 -31.82 -14.72 -5.75
N SER A 556 -32.07 -13.44 -5.52
CA SER A 556 -31.31 -12.36 -6.13
C SER A 556 -31.30 -11.19 -5.16
N LEU A 557 -30.35 -10.28 -5.36
CA LEU A 557 -30.25 -9.05 -4.58
C LEU A 557 -30.19 -7.90 -5.58
N LYS A 558 -31.11 -6.95 -5.45
CA LYS A 558 -31.19 -5.79 -6.32
C LYS A 558 -31.57 -4.59 -5.47
N ASN A 559 -30.78 -3.53 -5.58
CA ASN A 559 -30.96 -2.30 -4.82
C ASN A 559 -31.05 -2.59 -3.33
N ASN A 560 -30.20 -3.48 -2.85
CA ASN A 560 -30.07 -3.86 -1.44
C ASN A 560 -31.28 -4.61 -0.90
N VAL A 561 -32.18 -5.11 -1.77
CA VAL A 561 -33.34 -5.90 -1.36
C VAL A 561 -33.19 -7.30 -1.91
N VAL A 562 -33.28 -8.29 -1.01
CA VAL A 562 -33.33 -9.70 -1.43
C VAL A 562 -34.70 -9.99 -2.03
N SER A 563 -34.70 -10.70 -3.16
CA SER A 563 -35.92 -11.22 -3.75
C SER A 563 -35.78 -12.73 -3.91
N VAL A 564 -36.91 -13.44 -3.77
CA VAL A 564 -36.99 -14.89 -4.01
C VAL A 564 -38.20 -15.12 -4.90
N ASN A 565 -37.97 -15.66 -6.11
CA ASN A 565 -39.04 -15.87 -7.08
C ASN A 565 -39.89 -14.62 -7.29
N LYS A 566 -39.20 -13.46 -7.39
CA LYS A 566 -39.82 -12.15 -7.63
C LYS A 566 -40.68 -11.66 -6.48
N GLU A 567 -40.43 -12.17 -5.28
CA GLU A 567 -41.05 -11.74 -4.04
C GLU A 567 -40.00 -11.05 -3.20
N PRO A 568 -40.14 -9.75 -2.87
CA PRO A 568 -39.13 -9.12 -2.02
C PRO A 568 -39.22 -9.55 -0.57
N VAL A 569 -38.07 -9.69 0.07
CA VAL A 569 -38.00 -10.02 1.49
C VAL A 569 -38.29 -8.75 2.29
N ALA A 570 -39.24 -8.84 3.23
CA ALA A 570 -39.58 -7.72 4.08
C ALA A 570 -38.60 -7.55 5.23
N GLU A 571 -38.01 -8.65 5.72
CA GLU A 571 -37.10 -8.60 6.87
C GLU A 571 -36.13 -9.77 6.77
N PRO A 572 -34.85 -9.49 6.39
CA PRO A 572 -33.94 -10.62 6.18
C PRO A 572 -33.13 -10.97 7.43
N ASP A 573 -32.52 -12.14 7.39
CA ASP A 573 -31.34 -12.47 8.22
C ASP A 573 -31.69 -12.60 9.70
N ILE A 574 -32.86 -13.16 10.00
CA ILE A 574 -33.18 -13.47 11.38
C ILE A 574 -32.48 -14.79 11.63
N MET A 575 -31.40 -14.76 12.40
CA MET A 575 -30.55 -15.92 12.55
C MET A 575 -31.14 -16.89 13.58
N ALA A 576 -31.02 -18.19 13.29
CA ALA A 576 -31.48 -19.27 14.15
C ALA A 576 -30.35 -20.30 14.28
N THR A 577 -30.41 -21.09 15.35
CA THR A 577 -29.36 -22.10 15.58
C THR A 577 -29.32 -23.18 14.51
N ASN A 578 -30.41 -23.38 13.75
CA ASN A 578 -30.48 -24.38 12.70
C ASN A 578 -30.91 -23.78 11.36
N GLY A 579 -30.81 -22.47 11.20
CA GLY A 579 -31.07 -21.88 9.90
C GLY A 579 -31.10 -20.37 10.00
N VAL A 580 -31.67 -19.76 8.97
CA VAL A 580 -31.88 -18.32 8.90
C VAL A 580 -33.30 -18.14 8.37
N VAL A 581 -34.02 -17.13 8.88
CA VAL A 581 -35.41 -16.86 8.51
C VAL A 581 -35.43 -15.54 7.76
N HIS A 582 -36.10 -15.52 6.61
CA HIS A 582 -36.38 -14.30 5.86
C HIS A 582 -37.90 -14.15 5.76
N VAL A 583 -38.41 -13.00 6.14
CA VAL A 583 -39.85 -12.78 6.18
C VAL A 583 -40.31 -12.35 4.80
N ILE A 584 -41.45 -12.91 4.34
CA ILE A 584 -42.11 -12.46 3.13
C ILE A 584 -43.58 -12.21 3.40
N THR A 585 -44.18 -11.31 2.62
CA THR A 585 -45.57 -10.91 2.81
C THR A 585 -46.50 -11.42 1.71
N ASN A 586 -46.01 -12.29 0.82
CA ASN A 586 -46.90 -13.13 0.02
C ASN A 586 -46.29 -14.51 -0.07
N VAL A 587 -47.13 -15.50 -0.35
CA VAL A 587 -46.69 -16.88 -0.51
C VAL A 587 -46.03 -17.02 -1.87
N LEU A 588 -45.00 -17.87 -1.91
CA LEU A 588 -44.20 -18.00 -3.13
C LEU A 588 -44.95 -18.85 -4.15
N HIS A 589 -44.77 -18.47 -5.42
CA HIS A 589 -45.36 -19.09 -6.61
C HIS A 589 -44.39 -20.14 -7.14
N HIS A 590 -44.94 -21.27 -7.61
CA HIS A 590 -44.06 -22.30 -8.16
C HIS A 590 -43.58 -21.91 -9.56
N HIS A 591 -42.28 -22.07 -9.82
CA HIS A 591 -41.60 -21.59 -11.02
C HIS A 591 -41.31 -22.80 -11.94
N HIS A 592 -40.21 -22.73 -12.71
CA HIS A 592 -40.06 -23.36 -14.03
C HIS A 592 -38.98 -24.43 -14.00
N HIS A 593 -39.34 -25.70 -13.86
CA HIS A 593 -38.36 -26.76 -14.12
C HIS A 593 -39.05 -28.02 -14.65
#